data_6QDE
#
_entry.id   6QDE
#
_cell.length_a   47.874
_cell.length_b   90.474
_cell.length_c   53.268
_cell.angle_alpha   90.00
_cell.angle_beta   111.72
_cell.angle_gamma   90.00
#
_symmetry.space_group_name_H-M   'P 1 21 1'
#
loop_
_entity.id
_entity.type
_entity.pdbx_description
1 polymer 'Glycylpeptide N-tetradecanoyltransferase'
2 non-polymer 'MAGNESIUM ION'
3 non-polymer 3-[[6-~{tert}-butyl-2-[3-(dimethylamino)propyl-methyl-amino]thieno[3,2-d]pyrimidin-4-yl]-methyl-amino]propanenitrile
4 non-polymer TETRADECANOYL-COA
5 water water
#
_entity_poly.entity_id   1
_entity_poly.type   'polypeptide(L)'
_entity_poly.pdbx_seq_one_letter_code
;MSRNPSNSDAAHAFWSTQPVPQTEDETEKIVFAGPMDEPKTVADIPEEPYPIASTFEWWTPNMEAADDIHAIYELLRDNY
VEDDDSMFRFNYSEEFLQWALCPPNYIPDWHVAVRRKADKKLLAFIAGVPVTLRMGTPKYMKVKAQEKGEGEEAAKYDEP
RHICEINFLCVHKQLREKRLAPILIKEATRRVNRTNVWQAVYTAGVLLPTPYASGQYFHRSLNPEKLVEIRFSGIPAQYQ
KFQNPMAMLKRNYQLPSAPKNSGLREMKPSDVPQVRRILMNYLDSFDVGPVFSDAEISHYLLPRDGVVFTYVVENDKKVT
DFFSFYRIPSTVIGNSNYNLLNAAYVHYYAATSIPLHQLILDLLIVAHSRGFDVCNMVEILDNRSFVEQLKFGAGDGHLR
YYFYNWAYPKIKPSQVALVML
;
_entity_poly.pdbx_strand_id   A
#
loop_
_chem_comp.id
_chem_comp.type
_chem_comp.name
_chem_comp.formula
HWW non-polymer 3-[[6-~{tert}-butyl-2-[3-(dimethylamino)propyl-methyl-amino]thieno[3,2-d]pyrimidin-4-yl]-methyl-amino]propanenitrile 'C20 H32 N6 S'
MG non-polymer 'MAGNESIUM ION' 'Mg 2'
MYA non-polymer TETRADECANOYL-COA 'C35 H62 N7 O17 P3 S'
#
# COMPACT_ATOMS: atom_id res chain seq x y z
N ALA A 11 11.53 0.16 26.21
CA ALA A 11 10.42 -0.54 25.50
C ALA A 11 10.75 -0.81 24.03
N HIS A 12 11.49 0.09 23.37
CA HIS A 12 11.84 -0.15 21.97
C HIS A 12 13.35 0.04 21.80
N ALA A 13 14.12 -1.05 21.99
CA ALA A 13 15.58 -0.99 21.97
C ALA A 13 16.10 -0.52 20.62
N PHE A 14 15.35 -0.78 19.53
CA PHE A 14 15.81 -0.27 18.24
C PHE A 14 15.18 1.09 17.93
N TRP A 15 13.82 1.15 17.97
CA TRP A 15 13.14 2.38 17.55
C TRP A 15 13.49 3.61 18.41
N SER A 16 13.88 3.39 19.69
CA SER A 16 14.30 4.52 20.51
C SER A 16 15.60 5.16 20.01
N THR A 17 16.34 4.50 19.12
CA THR A 17 17.64 5.02 18.64
C THR A 17 17.51 5.74 17.30
N GLN A 18 16.29 5.78 16.74
CA GLN A 18 16.11 6.22 15.36
C GLN A 18 15.44 7.60 15.31
N PRO A 19 15.60 8.36 14.19
CA PRO A 19 15.02 9.70 14.09
C PRO A 19 13.52 9.67 13.73
N VAL A 20 12.71 9.25 14.71
CA VAL A 20 11.24 9.22 14.53
C VAL A 20 10.63 9.77 15.81
N PRO A 21 9.42 10.32 15.78
CA PRO A 21 8.75 10.76 17.01
C PRO A 21 8.56 9.59 17.97
N GLN A 22 8.83 9.81 19.28
CA GLN A 22 8.93 8.68 20.20
C GLN A 22 7.60 8.35 20.89
N THR A 23 6.70 9.34 20.98
CA THR A 23 5.43 9.07 21.64
C THR A 23 4.33 9.89 20.98
N GLU A 24 3.07 9.54 21.31
CA GLU A 24 1.90 10.31 20.92
C GLU A 24 1.98 11.70 21.50
N ASP A 25 2.46 11.81 22.74
CA ASP A 25 2.58 13.11 23.38
C ASP A 25 3.47 14.01 22.53
N GLU A 26 4.62 13.48 22.13
CA GLU A 26 5.52 14.21 21.26
C GLU A 26 4.81 14.59 19.96
N THR A 27 4.06 13.64 19.38
CA THR A 27 3.39 13.85 18.12
C THR A 27 2.40 15.01 18.23
N GLU A 28 1.84 15.21 19.44
CA GLU A 28 0.85 16.26 19.68
CA GLU A 28 0.85 16.25 19.70
C GLU A 28 1.51 17.63 19.61
N LYS A 29 2.79 17.71 20.00
CA LYS A 29 3.50 18.97 19.99
C LYS A 29 3.98 19.36 18.58
N ILE A 30 3.77 18.48 17.58
CA ILE A 30 4.28 18.77 16.23
C ILE A 30 3.32 19.67 15.46
N VAL A 31 3.87 20.83 15.02
CA VAL A 31 3.05 21.82 14.35
C VAL A 31 3.54 22.11 12.91
N PHE A 32 4.80 21.75 12.58
CA PHE A 32 5.32 21.97 11.22
C PHE A 32 5.97 20.70 10.66
N ALA A 33 5.82 20.47 9.34
CA ALA A 33 6.59 19.42 8.68
C ALA A 33 8.08 19.77 8.70
N GLY A 34 8.97 18.79 8.87
CA GLY A 34 10.38 19.06 8.72
C GLY A 34 11.22 17.88 9.23
N PRO A 35 12.54 17.89 9.02
CA PRO A 35 13.39 16.75 9.44
C PRO A 35 13.55 16.62 10.95
N MET A 36 13.78 15.40 11.43
CA MET A 36 14.05 15.18 12.85
C MET A 36 15.55 15.31 13.11
N ASP A 37 16.42 14.76 12.22
CA ASP A 37 17.83 14.43 12.45
C ASP A 37 18.71 15.61 12.05
N GLU A 38 20.01 15.50 12.41
CA GLU A 38 21.05 16.41 11.94
C GLU A 38 21.10 16.39 10.39
N PRO A 39 21.26 17.52 9.68
CA PRO A 39 21.48 17.49 8.23
C PRO A 39 22.82 16.81 8.01
N LYS A 40 22.90 15.88 7.08
CA LYS A 40 24.17 15.20 6.86
C LYS A 40 24.42 15.21 5.37
N THR A 41 25.60 14.75 4.92
CA THR A 41 25.87 14.71 3.49
C THR A 41 26.21 13.25 3.10
N VAL A 42 26.21 12.93 1.81
CA VAL A 42 26.61 11.59 1.36
C VAL A 42 28.03 11.29 1.87
N ALA A 43 28.90 12.29 1.90
CA ALA A 43 30.27 12.08 2.37
C ALA A 43 30.33 11.61 3.82
N ASP A 44 29.30 11.91 4.64
CA ASP A 44 29.23 11.48 6.03
C ASP A 44 28.82 10.01 6.17
N ILE A 45 28.41 9.38 5.07
CA ILE A 45 27.90 8.01 5.12
C ILE A 45 28.97 7.03 4.60
N PRO A 46 29.35 5.93 5.31
CA PRO A 46 30.39 5.02 4.83
C PRO A 46 29.92 4.18 3.66
N GLU A 47 30.84 3.89 2.71
CA GLU A 47 30.57 2.91 1.66
C GLU A 47 30.72 1.48 2.19
N GLU A 48 31.34 1.28 3.36
CA GLU A 48 31.47 -0.10 3.83
C GLU A 48 30.05 -0.48 4.30
N PRO A 49 29.53 -1.65 3.91
CA PRO A 49 28.22 -2.10 4.36
C PRO A 49 28.12 -2.19 5.88
N TYR A 50 26.89 -2.10 6.40
CA TYR A 50 26.74 -2.27 7.84
C TYR A 50 27.24 -3.64 8.28
N PRO A 51 27.91 -3.77 9.44
CA PRO A 51 28.38 -5.07 9.89
C PRO A 51 27.28 -6.11 10.00
N ILE A 52 27.65 -7.36 9.69
CA ILE A 52 26.71 -8.46 9.82
C ILE A 52 27.55 -9.69 10.21
N ALA A 53 26.93 -10.63 10.96
CA ALA A 53 27.75 -11.75 11.43
C ALA A 53 28.35 -12.57 10.30
N SER A 54 29.48 -13.22 10.63
CA SER A 54 30.35 -13.82 9.63
C SER A 54 29.69 -14.95 8.85
N THR A 55 28.60 -15.55 9.38
CA THR A 55 27.93 -16.62 8.65
C THR A 55 26.87 -16.09 7.68
N PHE A 56 26.67 -14.77 7.64
CA PHE A 56 25.70 -14.20 6.72
C PHE A 56 26.37 -13.27 5.71
N GLU A 57 25.64 -12.90 4.65
CA GLU A 57 26.15 -11.89 3.73
C GLU A 57 24.99 -11.07 3.18
N TRP A 58 25.29 -9.82 2.78
CA TRP A 58 24.30 -9.02 2.06
C TRP A 58 24.29 -9.52 0.62
N TRP A 59 23.09 -9.51 0.04
CA TRP A 59 22.86 -9.79 -1.37
C TRP A 59 21.91 -8.77 -1.98
N THR A 60 22.21 -8.30 -3.18
CA THR A 60 21.34 -7.38 -3.91
C THR A 60 20.68 -8.17 -5.05
N PRO A 61 19.41 -8.62 -4.94
CA PRO A 61 18.74 -9.34 -6.03
C PRO A 61 18.51 -8.37 -7.17
N ASN A 62 18.51 -8.89 -8.41
CA ASN A 62 18.02 -8.15 -9.56
C ASN A 62 16.52 -8.42 -9.77
N MET A 63 15.66 -7.46 -9.37
CA MET A 63 14.22 -7.70 -9.37
C MET A 63 13.58 -7.52 -10.73
N GLU A 64 14.40 -7.39 -11.79
CA GLU A 64 13.94 -7.54 -13.16
C GLU A 64 14.29 -8.91 -13.74
N ALA A 65 15.08 -9.73 -13.02
CA ALA A 65 15.52 -11.03 -13.52
C ALA A 65 14.64 -12.12 -12.92
N ALA A 66 14.01 -12.92 -13.78
CA ALA A 66 13.04 -13.92 -13.36
C ALA A 66 13.52 -14.72 -12.15
N ASP A 67 14.75 -15.26 -12.23
CA ASP A 67 15.14 -16.20 -11.18
C ASP A 67 15.36 -15.51 -9.82
N ASP A 68 15.85 -14.27 -9.79
CA ASP A 68 16.04 -13.58 -8.51
C ASP A 68 14.66 -13.15 -7.98
N ILE A 69 13.75 -12.77 -8.88
CA ILE A 69 12.40 -12.46 -8.42
C ILE A 69 11.80 -13.73 -7.81
N HIS A 70 12.00 -14.87 -8.46
CA HIS A 70 11.50 -16.11 -7.90
C HIS A 70 12.03 -16.44 -6.49
N ALA A 71 13.32 -16.20 -6.26
CA ALA A 71 13.92 -16.47 -4.95
C ALA A 71 13.27 -15.58 -3.89
N ILE A 72 13.05 -14.29 -4.18
CA ILE A 72 12.40 -13.43 -3.20
C ILE A 72 10.93 -13.83 -3.03
N TYR A 73 10.27 -14.19 -4.13
CA TYR A 73 8.90 -14.64 -4.11
C TYR A 73 8.73 -15.81 -3.14
N GLU A 74 9.64 -16.80 -3.16
CA GLU A 74 9.48 -17.95 -2.26
C GLU A 74 9.67 -17.57 -0.80
N LEU A 75 10.61 -16.66 -0.48
CA LEU A 75 10.78 -16.21 0.89
C LEU A 75 9.48 -15.62 1.38
N LEU A 76 8.89 -14.71 0.57
CA LEU A 76 7.66 -14.04 1.02
C LEU A 76 6.49 -15.02 1.08
N ARG A 77 6.38 -15.94 0.10
CA ARG A 77 5.28 -16.90 0.11
C ARG A 77 5.28 -17.70 1.42
N ASP A 78 6.47 -18.00 1.94
CA ASP A 78 6.54 -18.92 3.07
C ASP A 78 6.69 -18.17 4.39
N ASN A 79 6.99 -16.84 4.36
CA ASN A 79 7.37 -16.17 5.61
C ASN A 79 6.76 -14.77 5.75
N TYR A 80 5.96 -14.31 4.79
CA TYR A 80 5.46 -12.94 4.91
C TYR A 80 4.21 -12.84 5.78
N VAL A 81 3.49 -11.71 5.68
CA VAL A 81 2.44 -11.42 6.66
C VAL A 81 1.32 -12.50 6.69
N GLU A 82 1.01 -12.96 7.91
CA GLU A 82 -0.08 -13.91 8.10
C GLU A 82 -0.98 -13.46 9.24
N ASP A 83 -2.20 -14.01 9.29
CA ASP A 83 -3.04 -13.72 10.45
C ASP A 83 -2.52 -14.44 11.70
N ASP A 84 -3.10 -14.08 12.87
CA ASP A 84 -2.64 -14.64 14.12
C ASP A 84 -3.04 -16.11 14.29
N ASP A 85 -4.07 -16.57 13.56
CA ASP A 85 -4.50 -17.97 13.69
C ASP A 85 -3.90 -18.87 12.61
N SER A 86 -2.94 -18.32 11.86
CA SER A 86 -2.28 -19.02 10.77
C SER A 86 -3.29 -19.70 9.83
N MET A 87 -4.25 -18.91 9.36
CA MET A 87 -5.22 -19.35 8.37
C MET A 87 -4.84 -18.88 6.96
N PHE A 88 -4.28 -17.67 6.83
CA PHE A 88 -3.99 -17.10 5.52
C PHE A 88 -2.64 -16.42 5.57
N ARG A 89 -1.84 -16.55 4.49
CA ARG A 89 -0.55 -15.85 4.45
C ARG A 89 -0.50 -15.22 3.05
N PHE A 90 -0.13 -13.93 2.99
CA PHE A 90 -0.07 -13.32 1.65
C PHE A 90 0.87 -14.04 0.70
N ASN A 91 0.47 -14.08 -0.60
CA ASN A 91 1.22 -14.75 -1.66
C ASN A 91 1.35 -13.80 -2.87
N TYR A 92 2.02 -12.67 -2.65
CA TYR A 92 2.24 -11.72 -3.76
C TYR A 92 2.93 -12.46 -4.89
N SER A 93 2.44 -12.24 -6.13
CA SER A 93 2.99 -12.99 -7.25
C SER A 93 4.34 -12.46 -7.72
N GLU A 94 5.07 -13.30 -8.46
CA GLU A 94 6.31 -12.84 -9.08
C GLU A 94 6.13 -11.60 -9.96
N GLU A 95 5.09 -11.58 -10.76
CA GLU A 95 4.77 -10.43 -11.65
C GLU A 95 4.46 -9.21 -10.80
N PHE A 96 3.76 -9.41 -9.69
CA PHE A 96 3.47 -8.27 -8.83
C PHE A 96 4.75 -7.68 -8.25
N LEU A 97 5.66 -8.54 -7.75
CA LEU A 97 6.89 -8.03 -7.16
C LEU A 97 7.72 -7.25 -8.18
N GLN A 98 7.83 -7.71 -9.43
CA GLN A 98 8.59 -6.94 -10.42
C GLN A 98 7.97 -5.57 -10.65
N TRP A 99 6.63 -5.53 -10.73
CA TRP A 99 5.89 -4.28 -10.92
C TRP A 99 6.09 -3.33 -9.73
N ALA A 100 5.90 -3.84 -8.50
CA ALA A 100 5.95 -2.98 -7.31
C ALA A 100 7.37 -2.43 -7.08
N LEU A 101 8.38 -3.23 -7.45
CA LEU A 101 9.74 -2.87 -7.02
C LEU A 101 10.55 -2.20 -8.13
N CYS A 102 10.06 -2.19 -9.40
CA CYS A 102 10.93 -1.63 -10.45
C CYS A 102 10.18 -0.54 -11.21
N PRO A 103 9.64 0.48 -10.53
CA PRO A 103 9.01 1.60 -11.24
C PRO A 103 10.08 2.47 -11.89
N PRO A 104 9.69 3.50 -12.64
CA PRO A 104 10.64 4.37 -13.31
C PRO A 104 11.68 4.95 -12.36
N ASN A 105 12.94 4.83 -12.81
CA ASN A 105 14.09 5.38 -12.09
C ASN A 105 14.30 4.70 -10.75
N TYR A 106 13.90 3.43 -10.63
CA TYR A 106 14.15 2.72 -9.39
C TYR A 106 15.67 2.54 -9.21
N ILE A 107 16.06 2.32 -7.96
CA ILE A 107 17.47 2.11 -7.64
CA ILE A 107 17.46 2.14 -7.57
C ILE A 107 17.67 0.67 -7.22
N PRO A 108 18.37 -0.15 -8.04
CA PRO A 108 18.53 -1.55 -7.70
C PRO A 108 19.17 -1.76 -6.32
N ASP A 109 20.09 -0.88 -5.89
CA ASP A 109 20.75 -1.06 -4.61
CA ASP A 109 20.75 -1.09 -4.62
C ASP A 109 19.79 -0.95 -3.42
N TRP A 110 18.58 -0.40 -3.65
CA TRP A 110 17.60 -0.30 -2.55
C TRP A 110 16.84 -1.59 -2.30
N HIS A 111 17.15 -2.64 -3.06
CA HIS A 111 16.55 -3.97 -2.80
C HIS A 111 17.61 -4.79 -2.06
N VAL A 112 17.34 -5.11 -0.78
CA VAL A 112 18.40 -5.60 0.12
C VAL A 112 18.00 -6.97 0.66
N ALA A 113 18.86 -7.98 0.51
CA ALA A 113 18.60 -9.30 1.08
C ALA A 113 19.77 -9.75 1.96
N VAL A 114 19.48 -10.73 2.82
CA VAL A 114 20.51 -11.43 3.57
C VAL A 114 20.46 -12.90 3.18
N ARG A 115 21.65 -13.50 2.92
CA ARG A 115 21.71 -14.93 2.65
C ARG A 115 22.68 -15.57 3.62
N ARG A 116 22.47 -16.85 3.92
CA ARG A 116 23.47 -17.57 4.70
CA ARG A 116 23.44 -17.61 4.69
C ARG A 116 24.63 -17.90 3.77
N LYS A 117 25.88 -17.55 4.18
CA LYS A 117 27.03 -17.55 3.27
CA LYS A 117 27.06 -17.56 3.30
C LYS A 117 27.39 -18.96 2.77
N ALA A 118 27.30 -19.98 3.64
CA ALA A 118 27.75 -21.34 3.32
C ALA A 118 27.13 -21.82 2.02
N ASP A 119 25.81 -21.64 1.95
CA ASP A 119 24.97 -22.43 1.08
C ASP A 119 23.93 -21.52 0.43
N LYS A 120 24.07 -20.20 0.68
CA LYS A 120 23.25 -19.22 -0.03
C LYS A 120 21.75 -19.35 0.30
N LYS A 121 21.35 -19.89 1.46
CA LYS A 121 19.94 -19.87 1.84
C LYS A 121 19.45 -18.44 2.10
N LEU A 122 18.31 -18.06 1.51
CA LEU A 122 17.77 -16.72 1.64
C LEU A 122 17.07 -16.57 2.99
N LEU A 123 17.46 -15.53 3.76
CA LEU A 123 17.01 -15.41 5.15
C LEU A 123 16.16 -14.16 5.40
N ALA A 124 16.30 -13.10 4.59
CA ALA A 124 15.62 -11.84 4.92
C ALA A 124 15.59 -10.93 3.69
N PHE A 125 14.69 -9.94 3.66
CA PHE A 125 14.55 -9.03 2.55
C PHE A 125 13.97 -7.72 3.04
N ILE A 126 14.31 -6.61 2.35
CA ILE A 126 13.58 -5.34 2.58
C ILE A 126 13.74 -4.59 1.27
N ALA A 127 12.77 -3.78 0.89
CA ALA A 127 12.89 -3.09 -0.39
C ALA A 127 12.47 -1.63 -0.32
N GLY A 128 13.28 -0.76 -0.92
CA GLY A 128 12.85 0.63 -1.11
C GLY A 128 12.64 0.97 -2.58
N VAL A 129 11.70 1.89 -2.86
CA VAL A 129 11.49 2.40 -4.22
C VAL A 129 11.37 3.92 -4.11
N PRO A 130 11.73 4.68 -5.15
CA PRO A 130 11.58 6.14 -5.10
C PRO A 130 10.10 6.52 -5.19
N VAL A 131 9.75 7.63 -4.55
CA VAL A 131 8.42 8.22 -4.70
C VAL A 131 8.65 9.72 -4.54
N THR A 132 7.90 10.51 -5.31
CA THR A 132 7.89 11.95 -5.12
C THR A 132 6.63 12.27 -4.31
N LEU A 133 6.81 12.81 -3.09
CA LEU A 133 5.66 12.93 -2.19
C LEU A 133 5.48 14.37 -1.77
N ARG A 134 4.21 14.82 -1.74
CA ARG A 134 3.85 16.07 -1.03
C ARG A 134 3.72 15.70 0.45
N MET A 135 4.53 16.36 1.28
CA MET A 135 4.65 16.01 2.69
C MET A 135 4.93 17.27 3.53
N GLY A 136 4.49 18.40 2.99
CA GLY A 136 4.56 19.69 3.68
C GLY A 136 3.44 19.82 4.73
N THR A 137 3.51 20.87 5.56
CA THR A 137 2.58 21.04 6.67
C THR A 137 1.14 20.88 6.17
N PRO A 138 0.29 20.11 6.87
CA PRO A 138 -1.09 19.88 6.40
C PRO A 138 -1.99 21.10 6.59
N LYS A 139 -3.13 21.12 5.88
CA LYS A 139 -3.97 22.32 5.81
C LYS A 139 -4.37 22.84 7.19
N TYR A 140 -4.80 21.98 8.14
CA TYR A 140 -5.35 22.49 9.39
C TYR A 140 -4.22 23.10 10.19
N MET A 141 -2.99 22.62 10.00
CA MET A 141 -1.87 23.20 10.74
C MET A 141 -1.31 24.45 10.08
N LYS A 142 -1.43 24.60 8.75
CA LYS A 142 -1.13 25.88 8.11
C LYS A 142 -2.09 26.97 8.60
N VAL A 143 -3.35 26.63 8.90
CA VAL A 143 -4.28 27.60 9.47
C VAL A 143 -3.80 28.04 10.85
N LYS A 144 -3.41 27.08 11.69
CA LYS A 144 -2.87 27.42 13.01
C LYS A 144 -1.66 28.36 12.83
N ALA A 145 -0.73 28.00 11.93
CA ALA A 145 0.42 28.86 11.68
C ALA A 145 0.04 30.31 11.30
N GLN A 146 -0.89 30.47 10.36
CA GLN A 146 -1.37 31.79 9.99
C GLN A 146 -1.86 32.51 11.25
N GLU A 147 -2.55 31.80 12.17
CA GLU A 147 -3.10 32.47 13.36
C GLU A 147 -2.00 32.94 14.31
N LYS A 148 -0.82 32.35 14.28
CA LYS A 148 0.27 32.66 15.20
C LYS A 148 1.31 33.54 14.50
N GLY A 149 1.12 33.89 13.22
CA GLY A 149 2.18 34.60 12.51
C GLY A 149 3.39 33.75 12.13
N GLU A 150 3.18 32.42 11.96
CA GLU A 150 4.26 31.46 11.73
C GLU A 150 4.12 30.79 10.37
N GLY A 151 3.59 31.50 9.36
CA GLY A 151 3.41 30.91 8.03
C GLY A 151 4.70 30.54 7.29
N GLU A 152 5.78 31.30 7.50
CA GLU A 152 7.05 31.04 6.86
CA GLU A 152 7.01 31.01 6.79
C GLU A 152 7.57 29.66 7.26
N GLU A 153 7.55 29.40 8.56
CA GLU A 153 8.09 28.11 9.03
C GLU A 153 7.17 26.99 8.56
N ALA A 154 5.85 27.23 8.53
CA ALA A 154 4.95 26.16 8.13
C ALA A 154 5.06 25.83 6.65
N ALA A 155 5.57 26.75 5.83
CA ALA A 155 5.63 26.53 4.38
C ALA A 155 6.99 26.03 3.88
N LYS A 156 7.97 25.91 4.79
CA LYS A 156 9.35 25.65 4.42
C LYS A 156 9.50 24.42 3.52
N TYR A 157 8.70 23.38 3.80
CA TYR A 157 8.89 22.15 3.04
C TYR A 157 7.68 21.79 2.20
N ASP A 158 7.00 22.81 1.65
CA ASP A 158 5.85 22.61 0.79
C ASP A 158 6.17 21.89 -0.52
N GLU A 159 7.39 22.05 -1.08
CA GLU A 159 7.76 21.48 -2.36
CA GLU A 159 7.68 21.48 -2.38
C GLU A 159 7.70 19.96 -2.27
N PRO A 160 7.16 19.24 -3.27
CA PRO A 160 7.23 17.76 -3.24
C PRO A 160 8.66 17.29 -3.14
N ARG A 161 8.87 16.20 -2.40
CA ARG A 161 10.20 15.71 -2.08
CA ARG A 161 10.20 15.72 -2.11
C ARG A 161 10.41 14.33 -2.70
N HIS A 162 11.63 14.08 -3.21
CA HIS A 162 12.03 12.78 -3.72
C HIS A 162 12.54 11.93 -2.56
N ILE A 163 11.73 10.95 -2.12
CA ILE A 163 12.07 10.17 -0.95
C ILE A 163 12.03 8.68 -1.29
N CYS A 164 12.09 7.85 -0.23
CA CYS A 164 12.07 6.38 -0.37
C CYS A 164 10.75 5.86 0.22
N GLU A 165 10.08 4.90 -0.44
CA GLU A 165 8.97 4.14 0.15
C GLU A 165 9.48 2.72 0.49
N ILE A 166 9.33 2.28 1.74
CA ILE A 166 9.83 0.96 2.16
C ILE A 166 8.69 -0.04 2.25
N ASN A 167 8.93 -1.27 1.80
CA ASN A 167 7.91 -2.32 1.85
C ASN A 167 8.62 -3.68 1.82
N PHE A 168 7.85 -4.76 2.09
CA PHE A 168 8.28 -6.14 1.95
C PHE A 168 9.41 -6.53 2.91
N LEU A 169 9.47 -5.88 4.10
CA LEU A 169 10.42 -6.34 5.11
C LEU A 169 9.99 -7.73 5.59
N CYS A 170 10.92 -8.70 5.57
CA CYS A 170 10.56 -10.07 5.92
C CYS A 170 11.79 -10.77 6.50
N VAL A 171 11.66 -11.43 7.65
CA VAL A 171 12.71 -12.32 8.16
C VAL A 171 12.16 -13.75 8.16
N HIS A 172 12.98 -14.73 7.74
CA HIS A 172 12.61 -16.13 7.75
C HIS A 172 12.10 -16.53 9.15
N LYS A 173 11.03 -17.35 9.19
CA LYS A 173 10.48 -17.78 10.47
C LYS A 173 11.53 -18.41 11.39
N GLN A 174 12.55 -19.12 10.85
CA GLN A 174 13.52 -19.72 11.78
C GLN A 174 14.47 -18.69 12.41
N LEU A 175 14.47 -17.44 11.93
CA LEU A 175 15.42 -16.45 12.41
CA LEU A 175 15.42 -16.45 12.41
C LEU A 175 14.70 -15.33 13.18
N ARG A 176 13.40 -15.54 13.51
CA ARG A 176 12.65 -14.50 14.20
C ARG A 176 13.16 -14.22 15.62
N GLU A 177 13.03 -12.96 16.02
CA GLU A 177 13.34 -12.52 17.39
C GLU A 177 14.84 -12.63 17.69
N LYS A 178 15.66 -12.44 16.67
CA LYS A 178 17.12 -12.46 16.81
C LYS A 178 17.72 -11.09 16.48
N ARG A 179 16.91 -10.03 16.41
CA ARG A 179 17.37 -8.68 16.09
C ARG A 179 17.99 -8.57 14.69
N LEU A 180 17.52 -9.36 13.71
CA LEU A 180 17.97 -9.22 12.34
C LEU A 180 17.23 -8.06 11.65
N ALA A 181 15.95 -7.81 11.98
CA ALA A 181 15.24 -6.74 11.29
C ALA A 181 15.89 -5.37 11.49
N PRO A 182 16.36 -4.99 12.72
CA PRO A 182 17.11 -3.74 12.87
C PRO A 182 18.33 -3.63 11.96
N ILE A 183 19.11 -4.70 11.77
CA ILE A 183 20.29 -4.64 10.92
C ILE A 183 19.89 -4.41 9.46
N LEU A 184 18.82 -5.08 9.00
CA LEU A 184 18.25 -4.87 7.67
CA LEU A 184 18.34 -4.85 7.64
C LEU A 184 17.90 -3.40 7.47
N ILE A 185 17.19 -2.85 8.47
CA ILE A 185 16.74 -1.47 8.38
C ILE A 185 17.94 -0.51 8.37
N LYS A 186 18.98 -0.74 9.17
CA LYS A 186 20.14 0.15 9.13
C LYS A 186 20.91 0.03 7.82
N GLU A 187 21.04 -1.14 7.22
CA GLU A 187 21.70 -1.27 5.92
C GLU A 187 20.87 -0.55 4.86
N ALA A 188 19.54 -0.76 4.85
CA ALA A 188 18.71 -0.04 3.89
C ALA A 188 18.87 1.46 4.04
N THR A 189 18.89 1.96 5.29
CA THR A 189 19.01 3.40 5.52
C THR A 189 20.35 3.91 4.95
N ARG A 190 21.43 3.16 5.16
CA ARG A 190 22.74 3.53 4.62
C ARG A 190 22.65 3.62 3.07
N ARG A 191 22.07 2.59 2.42
CA ARG A 191 22.03 2.60 0.96
C ARG A 191 21.22 3.78 0.43
N VAL A 192 20.12 4.12 1.11
CA VAL A 192 19.29 5.26 0.69
C VAL A 192 20.06 6.56 0.92
N ASN A 193 20.67 6.67 2.10
CA ASN A 193 21.44 7.89 2.43
C ASN A 193 22.61 8.10 1.45
N ARG A 194 23.23 7.01 0.98
CA ARG A 194 24.34 7.12 0.01
C ARG A 194 23.87 7.75 -1.28
N THR A 195 22.54 7.74 -1.54
CA THR A 195 22.02 8.38 -2.75
C THR A 195 21.41 9.74 -2.43
N ASN A 196 21.69 10.33 -1.26
CA ASN A 196 21.32 11.67 -0.91
C ASN A 196 19.81 11.79 -0.68
N VAL A 197 19.21 10.71 -0.14
CA VAL A 197 17.79 10.70 0.27
C VAL A 197 17.78 10.44 1.77
N TRP A 198 16.97 11.22 2.52
CA TRP A 198 17.07 11.28 3.97
C TRP A 198 15.75 11.00 4.68
N GLN A 199 14.64 10.89 3.89
CA GLN A 199 13.38 10.53 4.49
C GLN A 199 12.85 9.26 3.82
N ALA A 200 11.98 8.55 4.57
CA ALA A 200 11.21 7.44 3.97
C ALA A 200 9.78 7.50 4.47
N VAL A 201 8.91 6.86 3.68
CA VAL A 201 7.53 6.61 4.10
C VAL A 201 7.34 5.10 4.17
N TYR A 202 6.62 4.61 5.20
CA TYR A 202 6.37 3.16 5.34
C TYR A 202 5.04 2.97 6.06
N THR A 203 4.48 1.78 5.85
CA THR A 203 3.23 1.45 6.54
C THR A 203 3.39 0.09 7.20
N ALA A 204 2.61 -0.15 8.26
CA ALA A 204 2.55 -1.49 8.88
C ALA A 204 1.20 -1.65 9.58
N GLY A 205 0.86 -2.91 9.87
CA GLY A 205 -0.33 -3.17 10.68
C GLY A 205 -0.04 -2.90 12.17
N VAL A 206 1.18 -3.19 12.58
CA VAL A 206 1.60 -3.09 13.96
C VAL A 206 1.79 -1.65 14.37
N LEU A 207 1.63 -1.37 15.67
CA LEU A 207 1.84 -0.03 16.19
C LEU A 207 3.29 0.13 16.68
N LEU A 208 4.02 1.03 16.05
CA LEU A 208 5.41 1.34 16.32
C LEU A 208 5.47 2.82 16.64
N PRO A 209 6.60 3.32 17.15
CA PRO A 209 6.77 4.77 17.30
C PRO A 209 7.01 5.43 15.94
N THR A 210 6.18 6.41 15.53
CA THR A 210 4.83 6.76 16.01
C THR A 210 4.07 7.15 14.75
N PRO A 211 2.87 6.63 14.45
CA PRO A 211 2.24 6.93 13.16
C PRO A 211 1.83 8.40 13.04
N TYR A 212 1.81 8.92 11.82
CA TYR A 212 1.18 10.23 11.59
C TYR A 212 -0.26 10.10 11.12
N ALA A 213 -0.72 8.87 10.79
CA ALA A 213 -2.13 8.64 10.41
C ALA A 213 -2.37 7.14 10.54
N SER A 214 -3.64 6.76 10.73
CA SER A 214 -4.02 5.35 10.88
C SER A 214 -5.41 5.18 10.27
N GLY A 215 -5.59 4.15 9.44
CA GLY A 215 -6.92 3.93 8.87
C GLY A 215 -7.31 2.46 9.00
N GLN A 216 -8.59 2.21 9.25
CA GLN A 216 -9.06 0.83 9.33
C GLN A 216 -9.19 0.24 7.93
N TYR A 217 -9.01 -1.08 7.82
CA TYR A 217 -9.31 -1.82 6.60
C TYR A 217 -10.81 -2.11 6.49
N PHE A 218 -11.29 -2.18 5.24
CA PHE A 218 -12.68 -2.51 4.91
C PHE A 218 -12.66 -3.64 3.89
N HIS A 219 -13.69 -4.48 3.88
CA HIS A 219 -13.74 -5.59 2.92
C HIS A 219 -15.17 -5.67 2.38
N ARG A 220 -15.28 -6.10 1.13
CA ARG A 220 -16.56 -6.25 0.43
C ARG A 220 -16.60 -7.65 -0.16
N SER A 221 -17.47 -8.53 0.36
CA SER A 221 -17.61 -9.91 -0.11
CA SER A 221 -17.57 -9.91 -0.12
C SER A 221 -18.03 -9.94 -1.58
N LEU A 222 -17.32 -10.76 -2.39
CA LEU A 222 -17.72 -10.99 -3.77
C LEU A 222 -18.17 -12.45 -3.94
N ASN A 223 -17.51 -13.39 -3.27
CA ASN A 223 -17.86 -14.83 -3.32
C ASN A 223 -18.08 -15.32 -1.89
N PRO A 224 -19.22 -14.95 -1.25
CA PRO A 224 -19.42 -15.23 0.15
C PRO A 224 -19.45 -16.72 0.49
N GLU A 225 -19.90 -17.60 -0.42
CA GLU A 225 -19.87 -19.04 -0.11
C GLU A 225 -18.45 -19.54 0.11
N LYS A 226 -17.50 -19.13 -0.75
CA LYS A 226 -16.11 -19.51 -0.53
C LYS A 226 -15.56 -18.85 0.74
N LEU A 227 -15.86 -17.55 0.96
CA LEU A 227 -15.29 -16.89 2.12
C LEU A 227 -15.76 -17.56 3.42
N VAL A 228 -17.01 -18.06 3.45
CA VAL A 228 -17.46 -18.75 4.64
C VAL A 228 -16.76 -20.11 4.76
N GLU A 229 -16.62 -20.82 3.64
CA GLU A 229 -15.97 -22.13 3.61
C GLU A 229 -14.54 -22.07 4.15
N ILE A 230 -13.79 -21.01 3.80
CA ILE A 230 -12.40 -20.91 4.26
C ILE A 230 -12.27 -20.15 5.60
N ARG A 231 -13.40 -19.68 6.17
CA ARG A 231 -13.43 -19.02 7.47
CA ARG A 231 -13.44 -19.02 7.47
C ARG A 231 -12.79 -17.64 7.41
N PHE A 232 -12.76 -17.04 6.21
CA PHE A 232 -12.46 -15.63 6.12
C PHE A 232 -13.64 -14.83 6.69
N SER A 233 -14.86 -15.33 6.39
CA SER A 233 -16.12 -14.77 6.84
C SER A 233 -16.87 -15.83 7.65
N GLY A 234 -17.85 -15.36 8.39
CA GLY A 234 -18.83 -16.28 8.96
C GLY A 234 -20.21 -15.86 8.47
N ILE A 235 -21.21 -16.73 8.66
CA ILE A 235 -22.57 -16.31 8.38
C ILE A 235 -23.01 -15.47 9.57
N PRO A 236 -23.34 -14.18 9.39
CA PRO A 236 -23.75 -13.34 10.53
C PRO A 236 -25.03 -13.86 11.20
N ALA A 237 -25.11 -13.62 12.52
CA ALA A 237 -26.19 -14.09 13.39
C ALA A 237 -27.57 -13.78 12.80
N GLN A 238 -27.71 -12.59 12.25
CA GLN A 238 -29.02 -12.15 11.78
CA GLN A 238 -28.95 -12.07 11.70
C GLN A 238 -29.53 -13.03 10.65
N TYR A 239 -28.64 -13.67 9.86
CA TYR A 239 -29.07 -14.51 8.75
C TYR A 239 -29.59 -15.87 9.23
N GLN A 240 -29.34 -16.19 10.51
CA GLN A 240 -29.89 -17.43 11.09
C GLN A 240 -31.40 -17.45 11.23
N LYS A 241 -32.07 -16.30 11.12
CA LYS A 241 -33.51 -16.18 11.15
CA LYS A 241 -33.51 -16.25 11.19
C LYS A 241 -34.15 -16.66 9.85
N PHE A 242 -33.31 -17.05 8.86
CA PHE A 242 -33.84 -17.47 7.58
C PHE A 242 -33.72 -19.00 7.46
N GLN A 243 -34.62 -19.57 6.63
CA GLN A 243 -34.59 -21.00 6.37
C GLN A 243 -33.27 -21.39 5.69
N ASN A 244 -32.73 -20.51 4.82
CA ASN A 244 -31.48 -20.82 4.13
C ASN A 244 -30.52 -19.64 4.29
N PRO A 245 -29.73 -19.62 5.37
CA PRO A 245 -28.87 -18.48 5.68
C PRO A 245 -27.92 -18.20 4.53
N MET A 246 -27.26 -19.25 4.00
CA MET A 246 -26.29 -19.01 2.93
C MET A 246 -26.94 -18.44 1.68
N ALA A 247 -28.10 -18.95 1.26
CA ALA A 247 -28.79 -18.37 0.11
C ALA A 247 -29.04 -16.89 0.31
N MET A 248 -29.41 -16.48 1.51
CA MET A 248 -29.71 -15.08 1.76
C MET A 248 -28.42 -14.24 1.79
N LEU A 249 -27.32 -14.81 2.27
CA LEU A 249 -26.03 -14.11 2.25
C LEU A 249 -25.54 -13.93 0.82
N LYS A 250 -25.66 -14.94 -0.02
CA LYS A 250 -25.30 -14.81 -1.44
CA LYS A 250 -25.30 -14.82 -1.45
C LYS A 250 -26.13 -13.71 -2.10
N ARG A 251 -27.43 -13.68 -1.81
CA ARG A 251 -28.30 -12.69 -2.42
C ARG A 251 -27.83 -11.31 -1.99
N ASN A 252 -27.47 -11.17 -0.72
CA ASN A 252 -27.09 -9.86 -0.20
C ASN A 252 -25.94 -9.24 -1.00
N TYR A 253 -24.98 -10.09 -1.39
CA TYR A 253 -23.74 -9.61 -2.04
C TYR A 253 -23.76 -9.73 -3.56
N GLN A 254 -24.89 -10.14 -4.16
CA GLN A 254 -25.04 -10.34 -5.60
CA GLN A 254 -24.95 -10.35 -5.60
C GLN A 254 -24.70 -9.04 -6.34
N LEU A 255 -24.05 -9.18 -7.50
CA LEU A 255 -23.71 -8.02 -8.36
C LEU A 255 -24.13 -8.26 -9.80
N PRO A 256 -24.30 -7.18 -10.60
CA PRO A 256 -24.44 -7.31 -12.04
C PRO A 256 -23.29 -8.09 -12.63
N SER A 257 -23.56 -8.69 -13.82
CA SER A 257 -22.58 -9.54 -14.50
C SER A 257 -21.84 -8.75 -15.57
N ALA A 258 -22.16 -7.47 -15.73
CA ALA A 258 -21.48 -6.61 -16.70
C ALA A 258 -21.52 -5.18 -16.20
N PRO A 259 -20.51 -4.32 -16.47
CA PRO A 259 -20.51 -2.96 -15.93
C PRO A 259 -21.73 -2.17 -16.34
N LYS A 260 -22.09 -1.19 -15.49
CA LYS A 260 -23.29 -0.39 -15.73
C LYS A 260 -22.94 0.94 -16.41
N ASN A 261 -21.67 1.39 -16.32
CA ASN A 261 -21.37 2.71 -16.84
C ASN A 261 -21.14 2.60 -18.34
N SER A 262 -21.92 3.39 -19.06
CA SER A 262 -21.67 3.60 -20.47
C SER A 262 -20.21 3.99 -20.64
N GLY A 263 -19.57 3.41 -21.64
CA GLY A 263 -18.27 3.85 -22.07
C GLY A 263 -17.12 3.32 -21.21
N LEU A 264 -17.39 2.39 -20.29
CA LEU A 264 -16.27 1.82 -19.53
C LEU A 264 -15.44 0.89 -20.42
N ARG A 265 -14.10 1.01 -20.36
CA ARG A 265 -13.20 0.18 -21.13
C ARG A 265 -11.84 0.12 -20.43
N GLU A 266 -10.99 -0.86 -20.76
CA GLU A 266 -9.65 -0.85 -20.20
C GLU A 266 -8.85 0.38 -20.63
N MET A 267 -7.93 0.83 -19.73
CA MET A 267 -7.04 1.94 -20.01
C MET A 267 -5.98 1.53 -21.07
N LYS A 268 -5.63 2.48 -21.96
CA LYS A 268 -4.57 2.20 -22.91
CA LYS A 268 -4.66 2.30 -23.02
C LYS A 268 -3.55 3.34 -22.90
N PRO A 269 -2.39 3.17 -23.57
CA PRO A 269 -1.34 4.17 -23.46
C PRO A 269 -1.76 5.59 -23.82
N SER A 270 -2.63 5.74 -24.81
CA SER A 270 -3.10 7.07 -25.19
C SER A 270 -3.91 7.79 -24.12
N ASP A 271 -4.39 7.05 -23.11
CA ASP A 271 -5.11 7.67 -22.01
C ASP A 271 -4.20 8.26 -20.93
N VAL A 272 -2.89 8.01 -21.00
CA VAL A 272 -1.99 8.46 -19.93
C VAL A 272 -2.08 9.97 -19.62
N PRO A 273 -1.96 10.91 -20.58
CA PRO A 273 -2.07 12.33 -20.24
C PRO A 273 -3.38 12.70 -19.54
N GLN A 274 -4.54 12.20 -20.00
CA GLN A 274 -5.82 12.59 -19.41
CA GLN A 274 -5.86 12.52 -19.44
C GLN A 274 -5.95 11.98 -18.01
N VAL A 275 -5.51 10.73 -17.83
CA VAL A 275 -5.56 10.11 -16.52
C VAL A 275 -4.62 10.82 -15.54
N ARG A 276 -3.42 11.16 -15.97
CA ARG A 276 -2.52 11.93 -15.12
CA ARG A 276 -2.53 11.93 -15.12
C ARG A 276 -3.20 13.23 -14.68
N ARG A 277 -3.83 13.96 -15.62
CA ARG A 277 -4.46 15.24 -15.32
CA ARG A 277 -4.42 15.25 -15.27
C ARG A 277 -5.54 15.07 -14.23
N ILE A 278 -6.50 14.16 -14.46
CA ILE A 278 -7.62 14.07 -13.53
C ILE A 278 -7.15 13.50 -12.19
N LEU A 279 -6.18 12.56 -12.21
CA LEU A 279 -5.68 12.04 -10.94
C LEU A 279 -4.96 13.10 -10.13
N MET A 280 -4.02 13.82 -10.77
CA MET A 280 -3.26 14.82 -10.01
C MET A 280 -4.15 15.96 -9.51
N ASN A 281 -5.18 16.34 -10.29
CA ASN A 281 -6.08 17.37 -9.80
CA ASN A 281 -6.09 17.36 -9.80
C ASN A 281 -6.77 16.90 -8.51
N TYR A 282 -7.19 15.63 -8.51
CA TYR A 282 -7.90 15.07 -7.37
C TYR A 282 -6.97 14.88 -6.18
N LEU A 283 -5.78 14.29 -6.39
CA LEU A 283 -4.89 14.03 -5.24
C LEU A 283 -4.41 15.30 -4.56
N ASP A 284 -4.40 16.40 -5.28
CA ASP A 284 -3.98 17.67 -4.72
CA ASP A 284 -3.99 17.69 -4.73
C ASP A 284 -4.83 18.10 -3.51
N SER A 285 -6.07 17.59 -3.40
CA SER A 285 -6.95 18.00 -2.31
CA SER A 285 -7.04 17.86 -2.35
C SER A 285 -6.54 17.38 -0.97
N PHE A 286 -5.62 16.42 -0.97
CA PHE A 286 -5.27 15.70 0.27
C PHE A 286 -3.93 16.20 0.80
N ASP A 287 -3.68 16.11 2.10
CA ASP A 287 -2.44 16.64 2.70
C ASP A 287 -1.17 15.89 2.26
N VAL A 288 -1.23 14.53 2.27
CA VAL A 288 -0.07 13.75 1.93
C VAL A 288 -0.42 12.96 0.67
N GLY A 289 0.36 13.10 -0.41
CA GLY A 289 0.04 12.33 -1.57
C GLY A 289 1.17 12.34 -2.59
N PRO A 290 1.18 11.36 -3.51
CA PRO A 290 2.25 11.29 -4.51
C PRO A 290 2.05 12.27 -5.66
N VAL A 291 3.17 12.57 -6.32
CA VAL A 291 3.13 13.31 -7.59
C VAL A 291 3.66 12.36 -8.65
N PHE A 292 2.87 12.07 -9.71
CA PHE A 292 3.34 11.08 -10.68
C PHE A 292 3.58 11.76 -12.02
N SER A 293 4.71 11.40 -12.65
CA SER A 293 5.03 11.77 -14.03
C SER A 293 4.18 10.94 -15.01
N ASP A 294 4.23 11.25 -16.32
CA ASP A 294 3.56 10.36 -17.26
C ASP A 294 4.14 8.95 -17.20
N ALA A 295 5.48 8.82 -17.08
CA ALA A 295 6.09 7.49 -17.01
C ALA A 295 5.60 6.71 -15.78
N GLU A 296 5.38 7.41 -14.66
CA GLU A 296 4.91 6.76 -13.44
C GLU A 296 3.42 6.39 -13.59
N ILE A 297 2.59 7.28 -14.16
CA ILE A 297 1.19 6.93 -14.43
C ILE A 297 1.15 5.68 -15.30
N SER A 298 1.97 5.61 -16.38
CA SER A 298 2.02 4.43 -17.23
CA SER A 298 2.01 4.45 -17.22
C SER A 298 2.32 3.18 -16.42
N HIS A 299 3.38 3.26 -15.63
CA HIS A 299 3.86 2.11 -14.86
C HIS A 299 2.83 1.64 -13.85
N TYR A 300 2.27 2.59 -13.07
CA TYR A 300 1.44 2.11 -11.97
C TYR A 300 -0.01 1.85 -12.41
N LEU A 301 -0.43 2.33 -13.58
CA LEU A 301 -1.84 2.21 -13.92
C LEU A 301 -2.13 1.41 -15.19
N LEU A 302 -1.20 1.28 -16.14
CA LEU A 302 -1.59 0.51 -17.33
C LEU A 302 -1.79 -0.96 -16.99
N PRO A 303 -2.87 -1.59 -17.51
CA PRO A 303 -3.17 -2.97 -17.09
C PRO A 303 -1.99 -3.92 -17.26
N ARG A 304 -1.82 -4.82 -16.30
CA ARG A 304 -0.83 -5.90 -16.37
C ARG A 304 -1.51 -7.18 -15.88
N ASP A 305 -1.54 -8.20 -16.73
CA ASP A 305 -2.26 -9.43 -16.44
C ASP A 305 -1.85 -9.97 -15.06
N GLY A 306 -2.88 -10.30 -14.26
CA GLY A 306 -2.68 -10.89 -12.95
C GLY A 306 -2.22 -9.93 -11.84
N VAL A 307 -2.03 -8.65 -12.16
CA VAL A 307 -1.37 -7.72 -11.24
C VAL A 307 -2.24 -6.47 -11.03
N VAL A 308 -2.41 -5.66 -12.08
CA VAL A 308 -3.14 -4.39 -11.90
C VAL A 308 -4.15 -4.25 -13.05
N PHE A 309 -5.35 -3.76 -12.71
CA PHE A 309 -6.50 -3.71 -13.60
C PHE A 309 -7.01 -2.28 -13.55
N THR A 310 -7.11 -1.61 -14.70
CA THR A 310 -7.48 -0.20 -14.71
C THR A 310 -8.43 0.05 -15.86
N TYR A 311 -9.51 0.78 -15.54
CA TYR A 311 -10.59 1.05 -16.48
C TYR A 311 -10.86 2.55 -16.49
N VAL A 312 -11.17 3.08 -17.68
CA VAL A 312 -11.58 4.47 -17.84
C VAL A 312 -13.04 4.53 -18.30
N VAL A 313 -13.71 5.62 -17.87
CA VAL A 313 -15.00 5.96 -18.48
C VAL A 313 -14.71 6.94 -19.60
N GLU A 314 -15.03 6.52 -20.82
CA GLU A 314 -14.88 7.40 -21.97
C GLU A 314 -16.21 7.49 -22.69
N ASN A 315 -16.80 8.67 -22.68
CA ASN A 315 -17.96 8.85 -23.56
C ASN A 315 -17.64 10.03 -24.46
N ASP A 316 -18.03 9.90 -25.74
CA ASP A 316 -17.90 11.04 -26.64
C ASP A 316 -16.44 11.47 -26.70
N LYS A 317 -15.57 10.48 -26.65
CA LYS A 317 -14.17 10.68 -26.98
C LYS A 317 -13.43 11.38 -25.86
N LYS A 318 -13.98 11.42 -24.64
CA LYS A 318 -13.26 12.11 -23.59
C LYS A 318 -13.23 11.18 -22.37
N VAL A 319 -12.05 11.02 -21.76
CA VAL A 319 -11.94 10.25 -20.51
C VAL A 319 -12.25 11.19 -19.35
N THR A 320 -13.29 10.83 -18.58
CA THR A 320 -13.80 11.69 -17.52
C THR A 320 -13.64 11.06 -16.14
N ASP A 321 -13.34 9.74 -16.08
CA ASP A 321 -13.25 9.05 -14.80
C ASP A 321 -12.38 7.82 -15.00
N PHE A 322 -11.82 7.28 -13.90
CA PHE A 322 -11.14 6.00 -14.02
C PHE A 322 -11.07 5.38 -12.63
N PHE A 323 -10.86 4.06 -12.63
CA PHE A 323 -10.51 3.35 -11.40
C PHE A 323 -9.48 2.27 -11.70
N SER A 324 -8.79 1.88 -10.62
CA SER A 324 -7.81 0.80 -10.73
C SER A 324 -7.88 -0.06 -9.48
N PHE A 325 -7.53 -1.34 -9.64
CA PHE A 325 -7.39 -2.24 -8.49
C PHE A 325 -6.22 -3.19 -8.75
N TYR A 326 -5.63 -3.73 -7.68
CA TYR A 326 -4.55 -4.70 -7.89
C TYR A 326 -4.86 -5.99 -7.09
N ARG A 327 -4.15 -7.06 -7.48
CA ARG A 327 -4.43 -8.41 -6.99
C ARG A 327 -3.36 -8.81 -5.98
N ILE A 328 -3.84 -9.24 -4.79
CA ILE A 328 -2.96 -9.92 -3.83
C ILE A 328 -3.66 -11.19 -3.40
N PRO A 329 -3.20 -12.37 -3.85
CA PRO A 329 -3.76 -13.62 -3.32
C PRO A 329 -3.14 -13.95 -1.98
N SER A 330 -3.86 -14.81 -1.23
CA SER A 330 -3.31 -15.39 -0.01
C SER A 330 -3.34 -16.91 -0.07
N THR A 331 -2.30 -17.55 0.47
CA THR A 331 -2.37 -19.00 0.69
C THR A 331 -3.40 -19.31 1.76
N VAL A 332 -4.30 -20.26 1.47
CA VAL A 332 -5.25 -20.77 2.46
C VAL A 332 -4.57 -21.96 3.13
N ILE A 333 -4.13 -21.79 4.37
CA ILE A 333 -3.16 -22.69 5.01
C ILE A 333 -3.84 -23.96 5.47
N GLY A 334 -5.11 -23.92 5.92
CA GLY A 334 -5.68 -25.06 6.61
C GLY A 334 -6.65 -25.94 5.81
N ASN A 335 -7.21 -25.45 4.68
CA ASN A 335 -8.48 -25.93 4.11
C ASN A 335 -8.26 -27.04 3.07
N SER A 336 -9.35 -27.64 2.57
CA SER A 336 -9.34 -28.81 1.71
C SER A 336 -10.09 -28.60 0.38
N ASN A 337 -10.95 -27.58 0.30
CA ASN A 337 -11.57 -27.31 -0.97
C ASN A 337 -10.72 -26.31 -1.78
N TYR A 338 -9.91 -25.49 -1.07
CA TYR A 338 -9.35 -24.28 -1.70
C TYR A 338 -7.90 -24.02 -1.28
N ASN A 339 -7.06 -23.60 -2.24
CA ASN A 339 -5.67 -23.32 -1.91
CA ASN A 339 -5.65 -23.32 -1.98
C ASN A 339 -5.40 -21.82 -1.82
N LEU A 340 -6.24 -21.00 -2.49
CA LEU A 340 -5.98 -19.56 -2.57
CA LEU A 340 -5.97 -19.56 -2.55
C LEU A 340 -7.22 -18.73 -2.26
N LEU A 341 -7.01 -17.55 -1.65
CA LEU A 341 -7.99 -16.47 -1.47
C LEU A 341 -7.56 -15.39 -2.47
N ASN A 342 -8.43 -15.00 -3.40
CA ASN A 342 -8.06 -14.04 -4.42
CA ASN A 342 -8.03 -14.03 -4.41
C ASN A 342 -8.66 -12.68 -4.08
N ALA A 343 -7.83 -11.75 -3.60
CA ALA A 343 -8.33 -10.44 -3.17
C ALA A 343 -7.97 -9.32 -4.16
N ALA A 344 -8.93 -8.45 -4.40
CA ALA A 344 -8.74 -7.23 -5.22
C ALA A 344 -8.65 -6.07 -4.24
N TYR A 345 -7.66 -5.21 -4.37
CA TYR A 345 -7.50 -4.04 -3.48
C TYR A 345 -7.73 -2.77 -4.29
N VAL A 346 -8.55 -1.84 -3.76
CA VAL A 346 -8.80 -0.58 -4.45
C VAL A 346 -7.51 0.24 -4.51
N HIS A 347 -7.17 0.70 -5.73
CA HIS A 347 -5.92 1.45 -5.97
C HIS A 347 -6.30 2.92 -6.12
N TYR A 348 -5.77 3.59 -7.12
CA TYR A 348 -6.12 4.98 -7.40
C TYR A 348 -7.38 5.05 -8.28
N TYR A 349 -8.08 6.20 -8.18
CA TYR A 349 -9.26 6.48 -8.98
C TYR A 349 -9.46 7.99 -9.04
N ALA A 350 -10.35 8.43 -9.95
CA ALA A 350 -10.78 9.83 -9.96
C ALA A 350 -12.14 9.88 -10.67
N ALA A 351 -13.08 10.66 -10.10
CA ALA A 351 -14.39 10.75 -10.76
C ALA A 351 -14.66 12.22 -11.02
N THR A 352 -15.00 12.55 -12.29
CA THR A 352 -15.40 13.92 -12.58
C THR A 352 -16.81 14.00 -13.15
N SER A 353 -17.38 12.88 -13.64
CA SER A 353 -18.67 12.90 -14.34
C SER A 353 -19.78 12.18 -13.60
N ILE A 354 -19.42 11.30 -12.66
CA ILE A 354 -20.38 10.43 -11.99
C ILE A 354 -20.00 10.36 -10.52
N PRO A 355 -20.94 10.08 -9.60
CA PRO A 355 -20.55 9.96 -8.22
C PRO A 355 -19.61 8.78 -7.98
N LEU A 356 -18.77 8.89 -6.95
CA LEU A 356 -17.78 7.86 -6.69
CA LEU A 356 -17.78 7.86 -6.65
C LEU A 356 -18.45 6.50 -6.50
N HIS A 357 -19.60 6.43 -5.79
CA HIS A 357 -20.21 5.13 -5.60
C HIS A 357 -20.54 4.43 -6.93
N GLN A 358 -20.88 5.22 -7.96
CA GLN A 358 -21.28 4.64 -9.24
C GLN A 358 -20.03 4.11 -9.96
N LEU A 359 -18.90 4.85 -9.81
CA LEU A 359 -17.67 4.38 -10.43
C LEU A 359 -17.19 3.09 -9.76
N ILE A 360 -17.19 3.07 -8.42
CA ILE A 360 -16.66 1.92 -7.69
C ILE A 360 -17.58 0.70 -7.75
N LEU A 361 -18.89 0.89 -8.01
CA LEU A 361 -19.72 -0.29 -8.27
C LEU A 361 -19.19 -1.06 -9.50
N ASP A 362 -18.75 -0.32 -10.52
CA ASP A 362 -18.19 -1.03 -11.68
C ASP A 362 -16.87 -1.72 -11.34
N LEU A 363 -16.09 -1.18 -10.38
CA LEU A 363 -14.92 -1.91 -9.90
C LEU A 363 -15.34 -3.26 -9.33
N LEU A 364 -16.33 -3.27 -8.42
CA LEU A 364 -16.76 -4.53 -7.83
C LEU A 364 -17.30 -5.50 -8.90
N ILE A 365 -18.05 -4.97 -9.90
CA ILE A 365 -18.57 -5.85 -10.96
C ILE A 365 -17.42 -6.47 -11.75
N VAL A 366 -16.41 -5.65 -12.18
CA VAL A 366 -15.31 -6.24 -12.94
C VAL A 366 -14.52 -7.23 -12.09
N ALA A 367 -14.27 -6.89 -10.84
CA ALA A 367 -13.48 -7.80 -10.00
C ALA A 367 -14.22 -9.13 -9.81
N HIS A 368 -15.53 -9.07 -9.53
CA HIS A 368 -16.29 -10.30 -9.39
C HIS A 368 -16.24 -11.11 -10.71
N SER A 369 -16.48 -10.44 -11.86
CA SER A 369 -16.44 -11.10 -13.17
CA SER A 369 -16.47 -11.15 -13.15
C SER A 369 -15.13 -11.84 -13.40
N ARG A 370 -14.02 -11.29 -12.89
CA ARG A 370 -12.68 -11.83 -13.13
C ARG A 370 -12.29 -12.89 -12.10
N GLY A 371 -13.19 -13.24 -11.19
CA GLY A 371 -12.93 -14.33 -10.27
C GLY A 371 -12.28 -13.95 -8.93
N PHE A 372 -12.33 -12.67 -8.56
CA PHE A 372 -11.91 -12.27 -7.20
C PHE A 372 -12.96 -12.60 -6.16
N ASP A 373 -12.52 -12.86 -4.92
CA ASP A 373 -13.39 -13.37 -3.86
C ASP A 373 -13.83 -12.26 -2.92
N VAL A 374 -13.03 -11.19 -2.83
CA VAL A 374 -13.28 -10.10 -1.87
C VAL A 374 -12.57 -8.86 -2.42
N CYS A 375 -13.13 -7.67 -2.14
CA CYS A 375 -12.45 -6.42 -2.48
C CYS A 375 -12.11 -5.74 -1.15
N ASN A 376 -10.85 -5.36 -0.97
CA ASN A 376 -10.39 -4.73 0.27
C ASN A 376 -9.87 -3.32 0.01
N MET A 377 -9.81 -2.50 1.06
CA MET A 377 -9.27 -1.15 0.93
C MET A 377 -9.00 -0.61 2.33
N VAL A 378 -8.17 0.46 2.45
CA VAL A 378 -8.05 1.24 3.69
C VAL A 378 -8.91 2.49 3.52
N GLU A 379 -9.41 3.07 4.62
CA GLU A 379 -10.26 4.26 4.59
C GLU A 379 -9.48 5.54 4.32
N ILE A 380 -8.56 5.46 3.38
CA ILE A 380 -7.84 6.68 2.87
C ILE A 380 -8.62 7.26 1.68
N LEU A 381 -8.11 8.32 1.07
CA LEU A 381 -8.80 8.97 -0.08
C LEU A 381 -10.25 9.34 0.31
N ASP A 382 -11.19 9.14 -0.58
CA ASP A 382 -12.64 9.30 -0.26
C ASP A 382 -13.28 7.91 -0.13
N ASN A 383 -12.49 6.94 0.31
CA ASN A 383 -13.02 5.57 0.38
C ASN A 383 -14.22 5.48 1.32
N ARG A 384 -14.30 6.33 2.34
CA ARG A 384 -15.47 6.27 3.23
C ARG A 384 -16.78 6.67 2.53
N SER A 385 -16.70 7.35 1.38
CA SER A 385 -17.90 7.89 0.76
CA SER A 385 -17.85 7.90 0.68
C SER A 385 -18.79 6.84 0.11
N PHE A 386 -18.30 5.62 -0.11
CA PHE A 386 -19.17 4.63 -0.77
C PHE A 386 -19.28 3.36 0.08
N VAL A 387 -18.77 3.39 1.31
CA VAL A 387 -18.75 2.17 2.13
C VAL A 387 -20.16 1.56 2.27
N GLU A 388 -21.13 2.34 2.79
CA GLU A 388 -22.40 1.72 3.18
C GLU A 388 -23.22 1.27 1.97
N GLN A 389 -23.32 2.12 0.95
CA GLN A 389 -24.16 1.76 -0.18
C GLN A 389 -23.60 0.49 -0.84
N LEU A 390 -22.26 0.40 -0.93
CA LEU A 390 -21.65 -0.71 -1.67
C LEU A 390 -21.40 -1.91 -0.77
N LYS A 391 -21.84 -1.88 0.50
CA LYS A 391 -21.83 -3.03 1.42
CA LYS A 391 -21.83 -3.02 1.42
C LYS A 391 -20.40 -3.44 1.81
N PHE A 392 -19.48 -2.48 1.90
CA PHE A 392 -18.22 -2.79 2.55
C PHE A 392 -18.50 -2.82 4.04
N GLY A 393 -17.71 -3.59 4.77
CA GLY A 393 -17.76 -3.49 6.24
C GLY A 393 -16.35 -3.25 6.76
N ALA A 394 -16.24 -2.65 7.97
CA ALA A 394 -14.95 -2.50 8.60
C ALA A 394 -14.42 -3.86 9.01
N GLY A 395 -13.09 -4.03 8.85
CA GLY A 395 -12.40 -5.27 9.20
C GLY A 395 -11.55 -5.11 10.46
N ASP A 396 -11.08 -6.24 11.01
CA ASP A 396 -10.19 -6.18 12.16
CA ASP A 396 -10.20 -6.17 12.16
C ASP A 396 -8.76 -6.08 11.66
N GLY A 397 -8.39 -4.86 11.30
CA GLY A 397 -7.03 -4.56 10.90
C GLY A 397 -6.99 -3.07 10.62
N HIS A 398 -5.79 -2.51 10.77
CA HIS A 398 -5.52 -1.12 10.48
C HIS A 398 -4.22 -1.05 9.70
N LEU A 399 -4.12 0.00 8.90
CA LEU A 399 -2.84 0.36 8.26
C LEU A 399 -2.39 1.68 8.87
N ARG A 400 -1.24 1.64 9.57
CA ARG A 400 -0.65 2.83 10.17
C ARG A 400 0.42 3.37 9.21
N TYR A 401 0.46 4.71 9.02
CA TYR A 401 1.37 5.43 8.12
C TYR A 401 2.45 6.10 8.96
N TYR A 402 3.70 5.88 8.57
CA TYR A 402 4.88 6.40 9.27
C TYR A 402 5.79 7.14 8.31
N PHE A 403 6.54 8.10 8.88
CA PHE A 403 7.69 8.63 8.16
C PHE A 403 8.95 8.31 8.97
N TYR A 404 10.07 8.15 8.23
CA TYR A 404 11.41 8.09 8.82
C TYR A 404 12.08 9.46 8.67
N ASN A 405 12.55 10.05 9.78
CA ASN A 405 13.26 11.34 9.79
C ASN A 405 12.36 12.45 9.24
N TRP A 406 11.09 12.49 9.66
CA TRP A 406 10.21 13.57 9.26
C TRP A 406 9.18 13.78 10.38
N ALA A 407 9.25 14.96 11.00
CA ALA A 407 8.23 15.37 11.97
C ALA A 407 6.98 15.76 11.20
N TYR A 408 5.80 15.29 11.65
CA TYR A 408 4.58 15.56 10.87
C TYR A 408 3.37 15.56 11.82
N PRO A 409 2.48 16.59 11.78
CA PRO A 409 1.31 16.60 12.65
C PRO A 409 0.40 15.44 12.30
N LYS A 410 -0.32 14.92 13.30
CA LYS A 410 -1.33 13.89 13.06
C LYS A 410 -2.35 14.36 12.03
N ILE A 411 -2.69 13.49 11.06
CA ILE A 411 -3.77 13.81 10.15
C ILE A 411 -4.76 12.64 10.13
N LYS A 412 -5.98 12.95 9.68
CA LYS A 412 -7.01 11.93 9.49
C LYS A 412 -6.63 11.06 8.29
N PRO A 413 -7.06 9.77 8.25
CA PRO A 413 -6.75 8.94 7.08
C PRO A 413 -7.38 9.43 5.77
N SER A 414 -8.49 10.17 5.87
CA SER A 414 -9.10 10.80 4.71
C SER A 414 -8.32 12.01 4.16
N GLN A 415 -7.17 12.33 4.79
CA GLN A 415 -6.26 13.34 4.26
C GLN A 415 -4.98 12.68 3.71
N VAL A 416 -5.02 11.33 3.58
CA VAL A 416 -3.89 10.58 2.99
C VAL A 416 -4.28 10.08 1.59
N ALA A 417 -3.40 10.30 0.59
CA ALA A 417 -3.72 9.90 -0.77
C ALA A 417 -2.63 8.94 -1.31
N LEU A 418 -1.76 8.42 -0.45
CA LEU A 418 -0.75 7.45 -0.89
C LEU A 418 -1.21 6.01 -0.64
N VAL A 419 -1.44 5.27 -1.74
CA VAL A 419 -1.79 3.86 -1.62
C VAL A 419 -0.51 3.07 -1.45
N MET A 420 -0.41 2.20 -0.43
CA MET A 420 0.76 1.37 -0.28
CA MET A 420 0.78 1.36 -0.37
C MET A 420 0.41 -0.10 -0.56
N LEU A 421 1.29 -0.78 -1.31
CA LEU A 421 0.96 -2.14 -1.82
C LEU A 421 1.17 -3.25 -0.76
MG MG B . 15.40 -11.63 13.91
C4 HWW C . -0.73 -5.95 3.47
C3 HWW C . -0.36 -4.53 3.09
N2 HWW C . -2.70 -5.94 5.29
C1 HWW C . 0.85 -1.92 2.68
N4 HWW C . 1.61 -4.73 7.15
C11 HWW C . 0.59 -5.23 7.43
C10 HWW C . -0.71 -5.89 7.79
C9 HWW C . -1.68 -4.76 7.56
N3 HWW C . -2.99 -5.48 7.55
C8 HWW C . -3.77 -5.45 8.82
C7 HWW C . -3.55 -5.94 6.36
C12 HWW C . -4.89 -6.34 6.12
C15 HWW C . -5.26 -6.63 4.82
C14 HWW C . -6.63 -7.06 4.62
C13 HWW C . -7.28 -7.03 5.87
C16 HWW C . -8.72 -7.43 6.11
C19 HWW C . -9.65 -6.90 5.05
C18 HWW C . -8.72 -8.99 6.10
C17 HWW C . -9.24 -6.98 7.47
S HWW C . -6.23 -6.55 7.17
N5 HWW C . -4.37 -6.55 3.81
C6 HWW C . -3.12 -6.22 4.06
N1 HWW C . -2.12 -6.18 3.10
C5 HWW C . -2.42 -6.57 1.69
C2 HWW C . 1.06 -4.32 3.65
N HWW C . 1.64 -3.09 3.16
C HWW C . 3.03 -2.88 3.69
C4 HWW D . -3.79 -8.19 10.92
C4 HWW D . -3.84 -8.21 11.15
C3 HWW D . -3.74 -8.83 12.30
C3 HWW D . -5.19 -8.40 11.89
N2 HWW D . -4.18 -10.50 8.08
N2 HWW D . -4.20 -10.45 8.15
C1 HWW D . -1.54 -7.99 15.11
C1 HWW D . -4.54 -6.24 14.52
N4 HWW D . -3.44 -13.09 3.99
N4 HWW D . -6.71 -10.39 1.89
C11 HWW D . -4.57 -12.76 3.82
C11 HWW D . -6.60 -10.77 3.05
C10 HWW D . -5.79 -11.88 3.90
C10 HWW D . -6.01 -10.64 4.46
C9 HWW D . -6.13 -12.02 5.40
C9 HWW D . -5.70 -11.97 5.15
N3 HWW D . -4.92 -11.81 6.22
N3 HWW D . -4.71 -11.74 6.22
C8 HWW D . -3.55 -12.15 5.82
C8 HWW D . -3.28 -12.03 6.01
C7 HWW D . -5.13 -11.27 7.48
C7 HWW D . -5.08 -11.22 7.47
C12 HWW D . -6.33 -11.49 8.15
C12 HWW D . -6.33 -11.49 8.08
C15 HWW D . -6.58 -10.95 9.41
C15 HWW D . -6.63 -10.95 9.34
C14 HWW D . -7.89 -11.25 10.00
C14 HWW D . -7.95 -11.26 9.89
C13 HWW D . -8.55 -12.07 9.06
C13 HWW D . -8.58 -12.08 8.94
C16 HWW D . -9.95 -12.63 9.23
C16 HWW D . -9.98 -12.63 9.11
C19 HWW D . -10.53 -12.20 10.58
C19 HWW D . -10.57 -12.18 10.45
C18 HWW D . -10.75 -12.07 8.06
C18 HWW D . -10.77 -12.09 7.93
C17 HWW D . -9.91 -14.15 9.20
C17 HWW D . -9.96 -14.15 9.09
S HWW D . -7.67 -12.39 7.58
S HWW D . -7.65 -12.40 7.49
N5 HWW D . -5.61 -10.19 9.99
N5 HWW D . -5.72 -10.17 9.98
C6 HWW D . -4.44 -9.98 9.32
C6 HWW D . -4.53 -9.93 9.39
N1 HWW D . -3.45 -9.19 9.92
N1 HWW D . -3.56 -9.14 10.04
C5 HWW D . -2.06 -9.40 9.48
C5 HWW D . -2.21 -9.26 9.53
C2 HWW D . -3.45 -7.83 13.43
C2 HWW D . -5.00 -8.50 13.42
N HWW D . -2.43 -8.59 14.12
N HWW D . -5.47 -7.29 14.13
C HWW D . -2.30 -9.97 13.71
C HWW D . -6.86 -7.10 14.52
S1 MYA E . 5.39 -3.85 7.04
C2 MYA E . 5.39 -5.64 6.74
C3 MYA E . 6.36 -6.29 7.80
N4 MYA E . 6.55 -7.73 7.50
C5 MYA E . 5.90 -8.67 8.19
O5 MYA E . 5.05 -8.48 9.06
C6 MYA E . 6.20 -10.08 7.73
C7 MYA E . 6.22 -11.15 8.88
N8 MYA E . 7.13 -10.78 10.00
C9 MYA E . 8.43 -10.74 9.88
O9 MYA E . 9.04 -11.03 8.84
C10 MYA E . 9.22 -10.32 11.07
O10 MYA E . 8.36 -10.48 12.21
C11 MYA E . 9.72 -8.87 10.99
C12 MYA E . 10.38 -8.44 12.31
C13 MYA E . 8.59 -7.86 10.70
C14 MYA E . 10.79 -8.73 9.89
N1A MYA E . 8.29 -2.51 10.85
O1A MYA E . 14.42 -8.92 14.04
P1A MYA E . 13.61 -8.70 15.25
C1X MYA E . 10.61 -4.05 15.15
C2A MYA E . 9.27 -1.90 11.59
O2A MYA E . 14.05 -9.34 16.54
P2A MYA E . 11.43 -10.15 14.03
C2M MYA E . 6.72 -3.33 6.13
O2M MYA E . 7.29 -4.03 5.31
C2X MYA E . 10.20 -4.33 16.57
O2X MYA E . 9.36 -3.29 17.11
N3A MYA E . 9.82 -2.42 12.72
O3A MYA E . 12.04 -9.06 15.04
C3M MYA E . 7.26 -1.95 6.36
C3X MYA E . 11.57 -4.43 17.24
O3X MYA E . 12.09 -3.13 17.50
P3X MYA E . 12.00 -2.51 18.98
C4A MYA E . 9.28 -3.63 13.13
O4A MYA E . 10.05 -10.32 14.53
C4M MYA E . 8.60 -2.06 7.08
C4X MYA E . 12.42 -5.06 16.19
O4X MYA E . 11.70 -4.93 14.94
C5A MYA E . 8.23 -4.22 12.45
O5A MYA E . 12.31 -11.27 13.87
C5M MYA E . 9.22 -0.75 7.55
C5X MYA E . 12.58 -6.54 16.42
O5X MYA E . 13.40 -7.12 15.43
C6A MYA E . 7.73 -3.64 11.25
N6A MYA E . 6.66 -4.21 10.54
O6A MYA E . 11.44 -9.36 12.63
C6M MYA E . 10.58 -0.92 8.22
N7A MYA E . 7.92 -5.37 13.11
O7A MYA E . 10.56 -2.51 19.33
C7M MYA E . 11.17 0.41 8.70
C8A MYA E . 8.73 -5.49 14.18
O8A MYA E . 12.81 -3.45 19.80
C8M MYA E . 11.70 1.27 7.54
N9A MYA E . 9.55 -4.41 14.20
O9A MYA E . 12.57 -1.15 18.93
C9M MYA E . 12.40 2.54 8.07
CAM MYA E . 12.97 3.45 6.93
CBM MYA E . 14.31 2.90 6.41
CCM MYA E . 14.84 3.71 5.18
CDM MYA E . 15.20 5.16 5.61
CEM MYA E . 15.80 5.96 4.41
CFM MYA E . 16.09 7.41 4.79
#